data_5T6I
#
_entry.id   5T6I
#
_cell.length_a   48.069
_cell.length_b   72.485
_cell.length_c   66.001
_cell.angle_alpha   90.00
_cell.angle_beta   97.42
_cell.angle_gamma   90.00
#
_symmetry.space_group_name_H-M   'P 1 21 1'
#
loop_
_entity.id
_entity.type
_entity.pdbx_description
1 polymer 'Calmodulin-domain protein kinase 1'
2 non-polymer 4-(3-methylphenyl)-5-(1,5-naphthyridin-2-yl)-1,3-thiazol-2-amine
3 water water
#
_entity_poly.entity_id   1
_entity_poly.type   'polypeptide(L)'
_entity_poly.pdbx_seq_one_letter_code
;MHHHHHHSSGRENLYFQGMGQQESTLGGAAGEPRSRGHAAGTSGGPGDHLHATPGMFVQHSTAIFSDRYKGQRVLGKGSF
GEVILCKDKITGQECAVKVISKRQVKQKTDKESLLREVQLLKQLDHPNIMKLYEFFEDKGYFYLVGEVYTGGELFDEIIS
RKRFSEVDAARIIRQVLSGITYMHKNKIVHRDLKPENLLLESKSKDANIRIIDFGLSTHFEASKKMKDKIGTAYYIAPEV
LHGTYDEKCDVWSTGVILYILLSGCPPFNGANEYDILKKVEKGKYTFELPQWKKVSESAKDLIRKMLTYVPSMRISARDA
LDHEWIQTYTKEQISVDVPSLDNAILNIRQFQGTQKLAQAALLYMGSKLTSQDETKELTAIFHKMDKNGDGQLDRAELIE
GYKELMRMKGQDASMLDASAVEHEVDQVLDAVDFDKNGYIEYSEFVTVAMDRKTLLSRERLERAFRMFDSDNSGKISSTE
LATIFGVSDVDSETWKSVLSEVDKNNDGEVDFDEFQQMLLKLCGN
;
_entity_poly.pdbx_strand_id   A
#
loop_
_chem_comp.id
_chem_comp.type
_chem_comp.name
_chem_comp.formula
5GB non-polymer 4-(3-methylphenyl)-5-(1,5-naphthyridin-2-yl)-1,3-thiazol-2-amine 'C18 H14 N4 S'
#
# COMPACT_ATOMS: atom_id res chain seq x y z
N THR A 62 -20.55 23.39 -4.89
CA THR A 62 -20.23 24.79 -5.16
C THR A 62 -18.76 25.02 -4.81
N ALA A 63 -18.35 24.71 -3.56
CA ALA A 63 -16.96 24.88 -3.10
C ALA A 63 -15.99 24.09 -3.98
N ILE A 64 -14.94 24.78 -4.49
CA ILE A 64 -13.93 24.18 -5.37
C ILE A 64 -12.64 23.94 -4.57
N PHE A 65 -12.03 22.76 -4.75
CA PHE A 65 -10.80 22.34 -4.07
C PHE A 65 -9.62 23.27 -4.35
N SER A 66 -9.34 23.54 -5.63
CA SER A 66 -8.23 24.38 -6.10
C SER A 66 -8.32 25.83 -5.60
N ASP A 67 -9.53 26.32 -5.26
CA ASP A 67 -9.68 27.67 -4.69
C ASP A 67 -9.18 27.73 -3.23
N ARG A 68 -9.00 26.57 -2.56
CA ARG A 68 -8.55 26.50 -1.17
C ARG A 68 -7.14 25.90 -1.01
N TYR A 69 -6.85 24.81 -1.71
CA TYR A 69 -5.58 24.10 -1.56
C TYR A 69 -4.71 24.14 -2.80
N LYS A 70 -3.38 24.10 -2.61
CA LYS A 70 -2.38 23.98 -3.67
C LYS A 70 -1.52 22.73 -3.36
N GLY A 71 -1.19 21.95 -4.38
CA GLY A 71 -0.35 20.78 -4.19
C GLY A 71 1.10 21.16 -3.93
N GLN A 72 1.78 20.45 -3.02
CA GLN A 72 3.19 20.68 -2.68
C GLN A 72 4.07 19.56 -3.23
N ARG A 73 3.78 18.32 -2.84
N ARG A 73 3.77 18.31 -2.85
CA ARG A 73 4.54 17.16 -3.27
CA ARG A 73 4.53 17.15 -3.29
C ARG A 73 3.74 15.87 -3.05
C ARG A 73 3.71 15.88 -3.09
N VAL A 74 4.11 14.79 -3.74
CA VAL A 74 3.43 13.50 -3.62
C VAL A 74 3.82 12.86 -2.28
N LEU A 75 2.84 12.27 -1.58
CA LEU A 75 3.06 11.60 -0.30
C LEU A 75 3.15 10.07 -0.45
N GLY A 76 2.53 9.53 -1.49
CA GLY A 76 2.54 8.09 -1.74
C GLY A 76 1.28 7.61 -2.44
N LYS A 77 1.18 6.29 -2.61
CA LYS A 77 0.02 5.67 -3.24
C LYS A 77 -1.07 5.47 -2.20
N GLY A 78 -2.30 5.37 -2.66
CA GLY A 78 -3.46 5.14 -1.81
C GLY A 78 -4.45 4.23 -2.49
N SER A 79 -5.40 3.69 -1.70
CA SER A 79 -6.45 2.83 -2.24
C SER A 79 -7.46 3.78 -2.87
N PHE A 80 -7.92 3.48 -4.12
CA PHE A 80 -8.89 4.27 -4.89
C PHE A 80 -8.33 5.61 -5.42
N GLY A 81 -7.08 5.97 -5.12
CA GLY A 81 -6.53 7.25 -5.58
C GLY A 81 -5.14 7.58 -5.09
N GLU A 82 -4.55 8.68 -5.62
CA GLU A 82 -3.19 9.12 -5.25
C GLU A 82 -3.26 10.13 -4.11
N VAL A 83 -2.26 10.10 -3.20
CA VAL A 83 -2.19 10.97 -2.03
C VAL A 83 -1.15 12.08 -2.24
N ILE A 84 -1.60 13.34 -2.17
CA ILE A 84 -0.76 14.53 -2.38
C ILE A 84 -0.72 15.37 -1.10
N LEU A 85 0.47 15.93 -0.77
CA LEU A 85 0.64 16.85 0.34
C LEU A 85 0.18 18.19 -0.23
N CYS A 86 -0.81 18.81 0.42
CA CYS A 86 -1.39 20.08 -0.03
C CYS A 86 -1.31 21.09 1.09
N LYS A 87 -1.38 22.37 0.74
CA LYS A 87 -1.29 23.47 1.68
C LYS A 87 -2.46 24.41 1.49
N ASP A 88 -3.15 24.79 2.58
CA ASP A 88 -4.23 25.76 2.52
C ASP A 88 -3.59 27.09 2.07
N LYS A 89 -4.15 27.73 1.03
CA LYS A 89 -3.59 28.97 0.46
C LYS A 89 -3.66 30.19 1.40
N ILE A 90 -4.43 30.12 2.51
CA ILE A 90 -4.56 31.25 3.45
C ILE A 90 -3.87 30.97 4.78
N THR A 91 -4.21 29.85 5.44
CA THR A 91 -3.71 29.53 6.77
C THR A 91 -2.38 28.77 6.77
N GLY A 92 -1.96 28.25 5.61
CA GLY A 92 -0.72 27.48 5.51
C GLY A 92 -0.79 26.07 6.06
N GLN A 93 -1.97 25.62 6.57
CA GLN A 93 -2.17 24.29 7.14
C GLN A 93 -1.85 23.24 6.10
N GLU A 94 -0.97 22.27 6.43
CA GLU A 94 -0.63 21.17 5.55
C GLU A 94 -1.68 20.09 5.69
N CYS A 95 -2.04 19.44 4.57
CA CYS A 95 -3.08 18.41 4.54
C CYS A 95 -2.71 17.26 3.60
N ALA A 96 -3.20 16.07 3.90
CA ALA A 96 -3.06 14.90 3.02
C ALA A 96 -4.36 14.87 2.22
N VAL A 97 -4.26 14.89 0.88
CA VAL A 97 -5.42 14.89 0.00
C VAL A 97 -5.37 13.65 -0.89
N LYS A 98 -6.39 12.79 -0.83
CA LYS A 98 -6.51 11.63 -1.72
C LYS A 98 -7.41 12.07 -2.87
N VAL A 99 -6.94 11.89 -4.11
CA VAL A 99 -7.68 12.29 -5.31
C VAL A 99 -8.23 11.01 -5.95
N ILE A 100 -9.56 10.83 -5.94
CA ILE A 100 -10.23 9.65 -6.49
C ILE A 100 -10.82 10.00 -7.85
N SER A 101 -10.29 9.43 -8.94
CA SER A 101 -10.81 9.66 -10.30
C SER A 101 -12.12 8.88 -10.50
N LYS A 102 -13.23 9.61 -10.76
CA LYS A 102 -14.55 9.02 -10.98
C LYS A 102 -14.55 8.08 -12.19
N VAL A 105 -12.77 4.36 -10.89
CA VAL A 105 -13.32 3.98 -9.58
C VAL A 105 -14.84 4.17 -9.60
N LYS A 106 -15.61 3.06 -9.65
CA LYS A 106 -17.07 3.11 -9.64
C LYS A 106 -17.59 3.40 -8.21
N GLN A 107 -18.85 3.85 -8.10
CA GLN A 107 -19.51 4.15 -6.82
C GLN A 107 -20.35 2.96 -6.38
N LYS A 108 -20.11 2.44 -5.15
CA LYS A 108 -20.89 1.29 -4.64
C LYS A 108 -22.29 1.75 -4.16
N THR A 109 -22.48 3.06 -3.87
CA THR A 109 -23.75 3.61 -3.39
C THR A 109 -24.09 4.93 -4.10
N ASP A 110 -25.32 5.43 -3.87
CA ASP A 110 -25.77 6.71 -4.44
C ASP A 110 -24.97 7.91 -3.82
N LYS A 111 -25.12 9.11 -4.40
CA LYS A 111 -24.41 10.32 -3.94
C LYS A 111 -24.89 10.76 -2.54
N GLU A 112 -26.19 10.61 -2.22
CA GLU A 112 -26.75 10.99 -0.91
C GLU A 112 -26.19 10.13 0.23
N SER A 113 -25.90 8.83 -0.04
CA SER A 113 -25.33 7.93 0.98
C SER A 113 -23.89 8.30 1.31
N LEU A 114 -23.11 8.70 0.28
CA LEU A 114 -21.72 9.14 0.46
C LEU A 114 -21.65 10.45 1.25
N LEU A 115 -22.54 11.43 0.92
CA LEU A 115 -22.58 12.72 1.62
C LEU A 115 -22.89 12.56 3.11
N ARG A 116 -23.87 11.71 3.47
CA ARG A 116 -24.23 11.50 4.87
C ARG A 116 -23.13 10.73 5.62
N GLU A 117 -22.40 9.81 4.95
CA GLU A 117 -21.30 9.09 5.59
C GLU A 117 -20.15 10.05 5.89
N VAL A 118 -19.77 10.87 4.92
CA VAL A 118 -18.68 11.87 5.06
C VAL A 118 -19.03 12.88 6.16
N GLN A 119 -20.30 13.30 6.24
CA GLN A 119 -20.77 14.25 7.25
C GLN A 119 -20.58 13.66 8.65
N LEU A 120 -20.91 12.36 8.83
CA LEU A 120 -20.73 11.67 10.11
C LEU A 120 -19.24 11.51 10.42
N LEU A 121 -18.46 11.02 9.44
CA LEU A 121 -17.01 10.78 9.60
C LEU A 121 -16.25 12.04 9.98
N LYS A 122 -16.63 13.21 9.46
CA LYS A 122 -15.98 14.49 9.80
C LYS A 122 -16.17 14.86 11.27
N GLN A 123 -17.30 14.43 11.89
CA GLN A 123 -17.60 14.75 13.29
C GLN A 123 -16.97 13.76 14.28
N LEU A 124 -16.53 12.58 13.83
CA LEU A 124 -15.94 11.60 14.74
C LEU A 124 -14.50 11.99 15.06
N ASP A 125 -14.04 11.64 16.28
CA ASP A 125 -12.72 11.99 16.78
C ASP A 125 -12.17 10.92 17.73
N HIS A 126 -11.05 10.29 17.35
CA HIS A 126 -10.37 9.29 18.16
C HIS A 126 -8.88 9.37 17.87
N PRO A 127 -7.99 9.22 18.87
CA PRO A 127 -6.54 9.32 18.59
C PRO A 127 -5.99 8.20 17.68
N ASN A 128 -6.72 7.08 17.46
CA ASN A 128 -6.22 6.02 16.58
C ASN A 128 -6.96 5.97 15.26
N ILE A 129 -7.71 7.02 14.92
CA ILE A 129 -8.45 7.10 13.66
C ILE A 129 -7.98 8.35 12.93
N MET A 130 -7.71 8.25 11.62
CA MET A 130 -7.30 9.41 10.83
C MET A 130 -8.39 10.48 10.87
N LYS A 131 -7.99 11.75 10.97
CA LYS A 131 -8.93 12.84 10.98
C LYS A 131 -9.22 13.27 9.53
N LEU A 132 -10.53 13.34 9.19
CA LEU A 132 -11.01 13.79 7.88
C LEU A 132 -11.52 15.21 8.09
N TYR A 133 -11.04 16.16 7.28
CA TYR A 133 -11.38 17.58 7.40
C TYR A 133 -12.43 18.01 6.40
N GLU A 134 -12.22 17.73 5.11
CA GLU A 134 -13.11 18.18 4.04
C GLU A 134 -13.32 17.14 2.96
N PHE A 135 -14.29 17.41 2.11
CA PHE A 135 -14.64 16.57 0.97
C PHE A 135 -15.11 17.47 -0.17
N PHE A 136 -14.48 17.35 -1.35
CA PHE A 136 -14.86 18.12 -2.53
C PHE A 136 -15.11 17.15 -3.67
N GLU A 137 -15.85 17.61 -4.67
CA GLU A 137 -16.15 16.81 -5.86
C GLU A 137 -16.34 17.71 -7.08
N ASP A 138 -15.71 17.35 -8.20
CA ASP A 138 -15.86 18.07 -9.46
C ASP A 138 -16.35 17.04 -10.50
N LYS A 139 -16.48 17.41 -11.79
CA LYS A 139 -17.00 16.50 -12.83
C LYS A 139 -16.20 15.18 -12.95
N GLY A 140 -14.88 15.21 -12.71
CA GLY A 140 -14.02 14.05 -12.87
C GLY A 140 -13.35 13.45 -11.65
N TYR A 141 -13.42 14.07 -10.44
CA TYR A 141 -12.73 13.52 -9.26
C TYR A 141 -13.41 13.83 -7.93
N PHE A 142 -13.11 13.03 -6.90
CA PHE A 142 -13.52 13.28 -5.51
C PHE A 142 -12.22 13.63 -4.76
N TYR A 143 -12.27 14.54 -3.79
CA TYR A 143 -11.06 14.91 -3.02
C TYR A 143 -11.34 14.73 -1.56
N LEU A 144 -10.59 13.83 -0.90
CA LEU A 144 -10.72 13.58 0.54
C LEU A 144 -9.55 14.27 1.26
N VAL A 145 -9.82 15.36 1.98
CA VAL A 145 -8.79 16.14 2.70
C VAL A 145 -8.74 15.72 4.17
N GLY A 146 -7.57 15.30 4.62
CA GLY A 146 -7.35 14.86 5.99
C GLY A 146 -5.99 15.21 6.55
N GLU A 147 -5.72 14.77 7.78
CA GLU A 147 -4.50 15.08 8.52
C GLU A 147 -3.28 14.28 7.99
N VAL A 148 -2.09 14.91 8.07
CA VAL A 148 -0.80 14.37 7.64
C VAL A 148 -0.15 13.58 8.79
N TYR A 149 0.28 12.33 8.53
CA TYR A 149 0.97 11.48 9.52
C TYR A 149 2.30 11.10 8.88
N THR A 150 3.40 11.64 9.41
CA THR A 150 4.73 11.54 8.83
C THR A 150 5.61 10.34 9.29
N GLY A 151 5.11 9.49 10.18
CA GLY A 151 5.85 8.34 10.68
C GLY A 151 5.97 7.12 9.79
N GLY A 152 5.28 7.13 8.64
CA GLY A 152 5.32 6.01 7.71
C GLY A 152 4.40 4.89 8.09
N GLU A 153 4.49 3.78 7.36
CA GLU A 153 3.68 2.59 7.60
C GLU A 153 4.23 1.84 8.80
N LEU A 154 3.34 1.20 9.57
CA LEU A 154 3.72 0.50 10.79
C LEU A 154 4.78 -0.58 10.56
N PHE A 155 4.56 -1.48 9.59
CA PHE A 155 5.49 -2.59 9.32
C PHE A 155 6.88 -2.07 8.85
N ASP A 156 6.95 -0.89 8.20
CA ASP A 156 8.25 -0.31 7.78
C ASP A 156 9.05 0.14 9.01
N GLU A 157 8.35 0.51 10.10
CA GLU A 157 8.99 0.88 11.35
C GLU A 157 9.45 -0.39 12.07
N ILE A 158 8.60 -1.44 12.12
CA ILE A 158 8.93 -2.70 12.82
C ILE A 158 10.20 -3.35 12.23
N ILE A 159 10.38 -3.34 10.89
CA ILE A 159 11.52 -4.03 10.26
C ILE A 159 12.86 -3.30 10.56
N SER A 160 12.82 -2.00 10.90
CA SER A 160 14.02 -1.24 11.27
C SER A 160 14.51 -1.53 12.71
N ARG A 161 13.66 -2.13 13.57
N ARG A 161 13.66 -2.15 13.56
CA ARG A 161 14.02 -2.40 14.96
CA ARG A 161 14.00 -2.44 14.96
C ARG A 161 14.97 -3.59 15.11
C ARG A 161 14.98 -3.59 15.10
N LYS A 162 15.75 -3.59 16.20
CA LYS A 162 16.69 -4.67 16.52
C LYS A 162 15.94 -5.75 17.34
N ARG A 163 15.02 -5.31 18.24
CA ARG A 163 14.22 -6.18 19.09
C ARG A 163 12.72 -5.90 18.93
N PHE A 164 11.91 -6.94 19.14
CA PHE A 164 10.45 -6.89 19.08
C PHE A 164 9.91 -8.00 19.96
N SER A 165 9.11 -7.65 20.97
CA SER A 165 8.56 -8.60 21.94
C SER A 165 7.03 -8.65 21.87
N GLU A 166 6.46 -9.48 22.73
CA GLU A 166 5.03 -9.67 22.87
C GLU A 166 4.37 -8.41 23.48
N VAL A 167 5.12 -7.60 24.24
CA VAL A 167 4.65 -6.33 24.81
C VAL A 167 4.53 -5.30 23.70
N ASP A 168 5.51 -5.27 22.79
CA ASP A 168 5.49 -4.35 21.64
C ASP A 168 4.31 -4.67 20.71
N ALA A 169 4.01 -5.96 20.51
CA ALA A 169 2.89 -6.40 19.69
C ALA A 169 1.56 -6.06 20.35
N ALA A 170 1.42 -6.28 21.67
CA ALA A 170 0.19 -5.98 22.40
C ALA A 170 -0.09 -4.48 22.42
N ARG A 171 0.97 -3.65 22.53
CA ARG A 171 0.84 -2.20 22.53
C ARG A 171 0.31 -1.71 21.19
N ILE A 172 0.78 -2.32 20.09
CA ILE A 172 0.31 -2.00 18.75
C ILE A 172 -1.17 -2.43 18.60
N ILE A 173 -1.50 -3.66 18.99
CA ILE A 173 -2.86 -4.21 18.81
C ILE A 173 -3.88 -3.51 19.74
N ARG A 174 -3.47 -2.98 20.91
N ARG A 174 -3.47 -2.99 20.90
CA ARG A 174 -4.39 -2.26 21.79
CA ARG A 174 -4.39 -2.26 21.79
C ARG A 174 -4.87 -0.98 21.10
C ARG A 174 -4.87 -0.99 21.08
N GLN A 175 -3.95 -0.26 20.42
CA GLN A 175 -4.27 0.96 19.66
C GLN A 175 -5.19 0.69 18.47
N VAL A 176 -4.94 -0.40 17.74
CA VAL A 176 -5.77 -0.76 16.59
C VAL A 176 -7.18 -1.08 17.10
N LEU A 177 -7.28 -1.90 18.17
CA LEU A 177 -8.56 -2.29 18.75
C LEU A 177 -9.30 -1.11 19.37
N SER A 178 -8.59 -0.10 19.91
CA SER A 178 -9.24 1.09 20.47
C SER A 178 -9.93 1.85 19.38
N GLY A 179 -9.22 2.07 18.27
CA GLY A 179 -9.77 2.73 17.10
C GLY A 179 -11.01 2.00 16.58
N ILE A 180 -10.91 0.69 16.39
CA ILE A 180 -12.01 -0.14 15.86
C ILE A 180 -13.24 -0.11 16.81
N THR A 181 -13.04 -0.30 18.12
CA THR A 181 -14.15 -0.30 19.10
C THR A 181 -14.95 1.02 19.02
N TYR A 182 -14.24 2.14 18.90
CA TYR A 182 -14.85 3.46 18.81
C TYR A 182 -15.67 3.61 17.51
N MET A 183 -15.15 3.12 16.37
CA MET A 183 -15.85 3.24 15.09
C MET A 183 -17.07 2.32 15.03
N HIS A 184 -16.99 1.11 15.62
CA HIS A 184 -18.12 0.17 15.66
C HIS A 184 -19.26 0.73 16.54
N LYS A 185 -18.94 1.50 17.59
CA LYS A 185 -19.95 2.16 18.42
C LYS A 185 -20.74 3.16 17.55
N ASN A 186 -20.07 3.76 16.53
CA ASN A 186 -20.68 4.72 15.61
C ASN A 186 -21.16 4.07 14.28
N LYS A 187 -21.36 2.72 14.27
CA LYS A 187 -21.90 1.92 13.16
C LYS A 187 -21.06 2.03 11.86
N ILE A 188 -19.74 2.27 11.97
CA ILE A 188 -18.85 2.33 10.82
C ILE A 188 -18.10 1.01 10.76
N VAL A 189 -17.96 0.43 9.56
CA VAL A 189 -17.23 -0.82 9.31
C VAL A 189 -16.09 -0.44 8.38
N HIS A 190 -14.87 -0.97 8.63
CA HIS A 190 -13.74 -0.73 7.75
C HIS A 190 -13.79 -1.71 6.56
N ARG A 191 -13.72 -3.02 6.81
CA ARG A 191 -13.68 -4.12 5.85
C ARG A 191 -12.28 -4.33 5.23
N ASP A 192 -11.52 -3.25 4.98
CA ASP A 192 -10.22 -3.34 4.29
C ASP A 192 -9.07 -3.00 5.24
N LEU A 193 -9.18 -3.43 6.51
CA LEU A 193 -8.11 -3.21 7.46
C LEU A 193 -6.90 -4.09 7.08
N LYS A 194 -5.73 -3.47 6.97
CA LYS A 194 -4.49 -4.12 6.56
C LYS A 194 -3.30 -3.24 7.02
N PRO A 195 -2.06 -3.78 7.08
CA PRO A 195 -0.92 -2.97 7.55
C PRO A 195 -0.71 -1.63 6.83
N GLU A 196 -0.98 -1.58 5.51
CA GLU A 196 -0.81 -0.35 4.71
C GLU A 196 -1.75 0.78 5.17
N ASN A 197 -2.86 0.43 5.86
CA ASN A 197 -3.80 1.41 6.44
C ASN A 197 -3.50 1.67 7.91
N LEU A 198 -2.30 1.37 8.41
CA LEU A 198 -1.88 1.65 9.79
C LEU A 198 -0.65 2.55 9.74
N LEU A 199 -0.84 3.88 9.84
CA LEU A 199 0.26 4.85 9.75
C LEU A 199 0.66 5.35 11.13
N LEU A 200 1.92 5.72 11.28
CA LEU A 200 2.43 6.24 12.55
C LEU A 200 2.52 7.76 12.48
N GLU A 201 2.29 8.43 13.61
CA GLU A 201 2.40 9.90 13.71
C GLU A 201 3.87 10.33 13.58
N SER A 202 4.81 9.52 14.10
CA SER A 202 6.26 9.75 14.01
C SER A 202 6.99 8.42 13.79
N LYS A 203 8.21 8.48 13.18
CA LYS A 203 8.99 7.28 12.84
C LYS A 203 9.75 6.79 14.08
N SER A 204 9.04 6.06 14.96
CA SER A 204 9.61 5.52 16.19
C SER A 204 8.66 4.47 16.83
N LYS A 205 9.18 3.75 17.84
CA LYS A 205 8.42 2.72 18.56
C LYS A 205 7.50 3.33 19.63
N ALA A 207 5.08 5.58 19.15
CA ALA A 207 4.27 6.50 18.34
C ALA A 207 2.84 6.03 18.27
N ASN A 208 1.90 6.97 18.11
CA ASN A 208 0.49 6.63 17.98
C ASN A 208 0.21 6.13 16.57
N ILE A 209 -0.66 5.10 16.48
CA ILE A 209 -1.05 4.47 15.22
C ILE A 209 -2.36 5.07 14.80
N ARG A 210 -2.46 5.49 13.55
CA ARG A 210 -3.70 6.03 12.98
C ARG A 210 -4.20 5.05 11.90
N ILE A 211 -5.45 4.60 12.03
CA ILE A 211 -6.08 3.73 11.03
C ILE A 211 -6.61 4.67 9.93
N ILE A 212 -6.27 4.36 8.69
CA ILE A 212 -6.67 5.12 7.50
C ILE A 212 -7.85 4.42 6.82
N ASP A 213 -8.67 5.21 6.08
CA ASP A 213 -9.81 4.80 5.22
C ASP A 213 -10.96 4.12 5.96
N PHE A 214 -11.10 4.32 7.28
CA PHE A 214 -12.15 3.68 8.06
C PHE A 214 -13.52 4.29 7.72
N GLY A 215 -14.34 3.50 7.04
CA GLY A 215 -15.69 3.88 6.62
C GLY A 215 -15.75 4.47 5.22
N LEU A 216 -14.60 4.73 4.61
CA LEU A 216 -14.49 5.35 3.29
C LEU A 216 -14.26 4.31 2.23
N SER A 217 -13.30 3.40 2.48
CA SER A 217 -12.95 2.34 1.54
C SER A 217 -14.19 1.55 0.98
N THR A 218 -15.25 1.36 1.78
CA THR A 218 -16.43 0.60 1.31
C THR A 218 -17.37 1.38 0.36
N HIS A 219 -17.31 2.73 0.29
CA HIS A 219 -18.21 3.48 -0.61
C HIS A 219 -17.75 3.47 -2.08
N PHE A 220 -16.51 3.05 -2.34
CA PHE A 220 -15.93 2.99 -3.67
C PHE A 220 -15.74 1.54 -4.11
N GLU A 221 -15.75 1.29 -5.43
CA GLU A 221 -15.58 -0.07 -5.97
C GLU A 221 -14.10 -0.45 -5.89
N ALA A 222 -13.81 -1.68 -5.44
CA ALA A 222 -12.44 -2.16 -5.29
C ALA A 222 -11.79 -2.34 -6.66
N SER A 223 -10.57 -1.77 -6.81
CA SER A 223 -9.80 -1.85 -8.05
C SER A 223 -9.42 -3.30 -8.35
N LYS A 224 -9.63 -3.74 -9.61
CA LYS A 224 -9.31 -5.09 -10.05
C LYS A 224 -7.82 -5.22 -10.43
N LYS A 225 -7.09 -4.08 -10.54
CA LYS A 225 -5.67 -4.06 -10.92
C LYS A 225 -4.82 -4.65 -9.80
N MET A 226 -3.86 -5.55 -10.16
CA MET A 226 -3.01 -6.23 -9.20
C MET A 226 -2.11 -5.24 -8.42
N LYS A 227 -1.73 -4.10 -9.03
CA LYS A 227 -0.93 -3.05 -8.35
C LYS A 227 -1.63 -2.54 -7.07
N ASP A 228 -2.98 -2.50 -7.09
CA ASP A 228 -3.78 -2.05 -5.93
C ASP A 228 -4.22 -3.24 -5.05
N LYS A 229 -4.36 -4.45 -5.62
CA LYS A 229 -4.78 -5.65 -4.88
C LYS A 229 -3.64 -6.29 -4.03
N ILE A 230 -2.34 -6.01 -4.32
CA ILE A 230 -1.22 -6.62 -3.57
C ILE A 230 -1.34 -6.27 -2.09
N GLY A 231 -1.18 -7.28 -1.25
CA GLY A 231 -1.27 -7.13 0.20
C GLY A 231 -2.66 -6.93 0.75
N THR A 232 -3.68 -7.58 0.14
CA THR A 232 -5.07 -7.46 0.61
C THR A 232 -5.69 -8.82 0.96
N ALA A 233 -5.43 -9.88 0.16
CA ALA A 233 -6.01 -11.21 0.35
C ALA A 233 -5.67 -11.82 1.71
N TYR A 234 -4.52 -11.49 2.28
CA TYR A 234 -4.15 -12.06 3.59
C TYR A 234 -5.11 -11.69 4.71
N TYR A 235 -5.73 -10.50 4.66
CA TYR A 235 -6.47 -9.89 5.77
C TYR A 235 -7.99 -9.89 5.67
N ILE A 236 -8.56 -10.13 4.47
CA ILE A 236 -10.02 -10.08 4.23
C ILE A 236 -10.73 -11.21 5.01
N ALA A 237 -11.87 -10.91 5.68
CA ALA A 237 -12.61 -11.91 6.43
C ALA A 237 -13.31 -12.86 5.46
N PRO A 238 -13.42 -14.17 5.76
CA PRO A 238 -14.08 -15.10 4.81
C PRO A 238 -15.49 -14.69 4.41
N GLU A 239 -16.28 -14.14 5.34
CA GLU A 239 -17.65 -13.71 5.07
C GLU A 239 -17.71 -12.52 4.11
N VAL A 240 -16.66 -11.71 4.03
CA VAL A 240 -16.62 -10.60 3.07
C VAL A 240 -16.57 -11.19 1.64
N LEU A 241 -15.84 -12.30 1.46
CA LEU A 241 -15.74 -12.99 0.17
C LEU A 241 -17.10 -13.50 -0.33
N HIS A 242 -17.94 -14.03 0.58
CA HIS A 242 -19.23 -14.58 0.19
C HIS A 242 -20.37 -13.53 0.18
N GLY A 243 -20.12 -12.30 0.66
CA GLY A 243 -21.06 -11.20 0.56
C GLY A 243 -21.82 -10.72 1.78
N THR A 244 -21.98 -11.57 2.82
CA THR A 244 -22.72 -11.18 4.02
C THR A 244 -21.74 -10.90 5.10
N TYR A 245 -21.54 -9.64 5.43
CA TYR A 245 -20.57 -9.27 6.47
C TYR A 245 -21.10 -8.10 7.27
N ASP A 246 -20.59 -7.98 8.50
CA ASP A 246 -20.92 -6.91 9.45
C ASP A 246 -19.60 -6.44 10.09
N GLU A 247 -19.68 -5.64 11.15
CA GLU A 247 -18.49 -5.10 11.83
C GLU A 247 -17.49 -6.18 12.32
N LYS A 248 -17.92 -7.44 12.53
CA LYS A 248 -17.00 -8.50 12.97
C LYS A 248 -15.87 -8.78 11.97
N CYS A 249 -15.98 -8.37 10.69
CA CYS A 249 -14.91 -8.62 9.72
C CYS A 249 -13.63 -7.85 10.11
N ASP A 250 -13.78 -6.71 10.82
CA ASP A 250 -12.63 -5.91 11.24
C ASP A 250 -11.87 -6.59 12.38
N VAL A 251 -12.53 -7.45 13.16
CA VAL A 251 -11.87 -8.20 14.23
C VAL A 251 -11.02 -9.31 13.58
N TRP A 252 -11.54 -9.97 12.55
CA TRP A 252 -10.79 -10.99 11.82
C TRP A 252 -9.48 -10.40 11.25
N SER A 253 -9.58 -9.25 10.55
CA SER A 253 -8.41 -8.62 9.95
C SER A 253 -7.35 -8.24 11.00
N THR A 254 -7.77 -7.79 12.20
CA THR A 254 -6.85 -7.46 13.27
C THR A 254 -6.21 -8.75 13.82
N GLY A 255 -6.99 -9.83 13.89
CA GLY A 255 -6.49 -11.14 14.30
C GLY A 255 -5.41 -11.65 13.35
N VAL A 256 -5.56 -11.39 12.04
CA VAL A 256 -4.55 -11.75 11.04
C VAL A 256 -3.28 -10.91 11.26
N ILE A 257 -3.43 -9.60 11.52
CA ILE A 257 -2.29 -8.71 11.72
C ILE A 257 -1.53 -9.15 12.98
N LEU A 258 -2.25 -9.51 14.05
CA LEU A 258 -1.65 -9.98 15.30
C LEU A 258 -0.85 -11.29 15.06
N TYR A 259 -1.37 -12.21 14.24
CA TYR A 259 -0.68 -13.44 13.92
C TYR A 259 0.68 -13.13 13.21
N ILE A 260 0.71 -12.12 12.32
CA ILE A 260 1.92 -11.72 11.61
C ILE A 260 2.88 -11.02 12.58
N LEU A 261 2.37 -10.17 13.50
CA LEU A 261 3.27 -9.49 14.46
C LEU A 261 4.02 -10.46 15.36
N LEU A 262 3.39 -11.59 15.75
CA LEU A 262 3.99 -12.55 16.67
C LEU A 262 4.77 -13.69 15.98
N SER A 263 4.56 -13.96 14.68
CA SER A 263 5.29 -15.03 13.95
C SER A 263 6.04 -14.53 12.70
N GLY A 264 5.63 -13.39 12.16
CA GLY A 264 6.16 -12.82 10.94
C GLY A 264 5.69 -13.47 9.65
N CYS A 265 4.76 -14.45 9.77
CA CYS A 265 4.19 -15.19 8.66
C CYS A 265 2.70 -15.02 8.65
N PRO A 266 2.04 -14.83 7.49
CA PRO A 266 0.56 -14.80 7.48
C PRO A 266 -0.05 -16.15 7.86
N PRO A 267 -1.18 -16.17 8.59
CA PRO A 267 -1.84 -17.45 8.89
C PRO A 267 -2.41 -18.12 7.64
N PHE A 268 -2.91 -17.33 6.68
CA PHE A 268 -3.48 -17.82 5.41
C PHE A 268 -2.55 -17.39 4.29
N ASN A 269 -1.77 -18.32 3.74
CA ASN A 269 -0.77 -18.01 2.71
C ASN A 269 -0.88 -18.89 1.47
N GLY A 270 -0.24 -18.46 0.40
CA GLY A 270 -0.24 -19.18 -0.86
C GLY A 270 0.69 -18.59 -1.89
N ALA A 271 0.89 -19.31 -3.00
CA ALA A 271 1.79 -18.93 -4.09
C ALA A 271 1.25 -17.74 -4.89
N ASN A 272 -0.06 -17.51 -4.88
CA ASN A 272 -0.68 -16.43 -5.64
C ASN A 272 -1.95 -15.95 -4.91
N GLU A 273 -2.60 -14.88 -5.42
CA GLU A 273 -3.79 -14.28 -4.81
C GLU A 273 -4.90 -15.31 -4.55
N TYR A 274 -5.26 -16.09 -5.58
CA TYR A 274 -6.33 -17.07 -5.45
C TYR A 274 -6.00 -18.17 -4.43
N ASP A 275 -4.74 -18.64 -4.37
CA ASP A 275 -4.39 -19.67 -3.38
C ASP A 275 -4.52 -19.12 -1.95
N ILE A 276 -4.21 -17.83 -1.74
CA ILE A 276 -4.39 -17.22 -0.41
C ILE A 276 -5.91 -17.21 -0.09
N LEU A 277 -6.74 -16.71 -1.03
CA LEU A 277 -8.18 -16.62 -0.82
C LEU A 277 -8.84 -18.00 -0.56
N LYS A 278 -8.30 -19.09 -1.14
CA LYS A 278 -8.79 -20.46 -0.87
C LYS A 278 -8.52 -20.85 0.58
N LYS A 279 -7.33 -20.49 1.10
CA LYS A 279 -6.99 -20.77 2.50
C LYS A 279 -7.90 -19.95 3.41
N VAL A 280 -8.15 -18.69 3.06
CA VAL A 280 -9.01 -17.82 3.88
C VAL A 280 -10.43 -18.38 3.93
N GLU A 281 -11.01 -18.74 2.77
CA GLU A 281 -12.37 -19.26 2.67
C GLU A 281 -12.51 -20.56 3.51
N LYS A 282 -11.49 -21.44 3.51
CA LYS A 282 -11.57 -22.65 4.35
C LYS A 282 -11.46 -22.24 5.83
N GLY A 283 -10.65 -21.22 6.10
CA GLY A 283 -10.49 -20.65 7.44
C GLY A 283 -9.66 -21.45 8.42
N LYS A 284 -8.90 -22.44 7.93
CA LYS A 284 -8.06 -23.30 8.77
C LYS A 284 -6.64 -22.77 8.80
N TYR A 285 -6.04 -22.75 9.99
CA TYR A 285 -4.68 -22.29 10.18
C TYR A 285 -4.14 -23.02 11.40
N THR A 286 -2.85 -22.88 11.70
CA THR A 286 -2.24 -23.56 12.85
C THR A 286 -1.18 -22.69 13.50
N PHE A 287 -0.77 -23.06 14.71
CA PHE A 287 0.33 -22.42 15.43
C PHE A 287 1.54 -23.42 15.40
N GLU A 288 1.64 -24.26 14.34
CA GLU A 288 2.67 -25.29 14.22
C GLU A 288 3.87 -24.77 13.42
N LEU A 289 4.57 -23.79 13.99
CA LEU A 289 5.79 -23.22 13.43
C LEU A 289 6.74 -23.02 14.61
N PRO A 290 8.08 -23.22 14.44
CA PRO A 290 8.98 -23.10 15.60
C PRO A 290 8.85 -21.77 16.37
N GLN A 291 8.52 -20.66 15.66
CA GLN A 291 8.32 -19.33 16.27
C GLN A 291 7.30 -19.32 17.39
N TRP A 292 6.18 -20.03 17.19
CA TRP A 292 5.05 -20.05 18.14
C TRP A 292 5.41 -20.69 19.49
N LYS A 293 6.47 -21.51 19.59
CA LYS A 293 6.87 -22.11 20.87
C LYS A 293 7.26 -21.03 21.89
N LYS A 294 7.81 -19.89 21.43
CA LYS A 294 8.24 -18.78 22.29
C LYS A 294 7.12 -17.75 22.58
N VAL A 295 5.86 -18.01 22.17
CA VAL A 295 4.74 -17.10 22.37
C VAL A 295 3.82 -17.67 23.45
N SER A 296 3.21 -16.80 24.27
CA SER A 296 2.33 -17.23 25.37
C SER A 296 1.02 -17.80 24.85
N GLU A 297 0.37 -18.65 25.66
CA GLU A 297 -0.92 -19.25 25.31
C GLU A 297 -2.04 -18.20 25.35
N SER A 298 -1.89 -17.13 26.17
CA SER A 298 -2.87 -16.04 26.22
C SER A 298 -2.94 -15.31 24.87
N ALA A 299 -1.79 -15.16 24.16
CA ALA A 299 -1.77 -14.54 22.83
C ALA A 299 -2.45 -15.46 21.83
N LYS A 300 -2.14 -16.76 21.88
CA LYS A 300 -2.74 -17.77 20.99
C LYS A 300 -4.27 -17.88 21.22
N ASP A 301 -4.72 -17.78 22.48
CA ASP A 301 -6.15 -17.83 22.82
C ASP A 301 -6.89 -16.62 22.24
N LEU A 302 -6.28 -15.42 22.27
CA LEU A 302 -6.93 -14.24 21.68
C LEU A 302 -7.03 -14.40 20.17
N ILE A 303 -5.95 -14.87 19.52
CA ILE A 303 -5.94 -15.09 18.07
C ILE A 303 -7.07 -16.05 17.67
N ARG A 304 -7.30 -17.11 18.46
CA ARG A 304 -8.35 -18.09 18.19
C ARG A 304 -9.74 -17.48 18.24
N LYS A 305 -9.98 -16.58 19.20
CA LYS A 305 -11.28 -15.92 19.34
C LYS A 305 -11.48 -14.90 18.20
N MET A 306 -10.40 -14.22 17.81
CA MET A 306 -10.44 -13.24 16.73
C MET A 306 -10.58 -13.92 15.38
N LEU A 307 -9.90 -15.06 15.15
CA LEU A 307 -10.02 -15.78 13.89
C LEU A 307 -11.07 -16.92 14.00
N THR A 308 -12.20 -16.69 14.72
CA THR A 308 -13.33 -17.63 14.80
C THR A 308 -14.07 -17.45 13.47
N TYR A 309 -14.42 -18.56 12.81
CA TYR A 309 -15.00 -18.55 11.47
C TYR A 309 -16.39 -17.92 11.41
N VAL A 310 -17.36 -18.44 12.18
CA VAL A 310 -18.73 -17.91 12.17
C VAL A 310 -18.71 -16.53 12.87
N PRO A 311 -19.05 -15.42 12.16
CA PRO A 311 -18.94 -14.08 12.78
C PRO A 311 -19.74 -13.88 14.08
N SER A 312 -20.94 -14.49 14.24
CA SER A 312 -21.71 -14.36 15.48
C SER A 312 -20.98 -14.96 16.71
N MET A 313 -20.09 -15.96 16.49
N MET A 313 -20.08 -15.95 16.50
CA MET A 313 -19.30 -16.61 17.54
CA MET A 313 -19.31 -16.58 17.58
C MET A 313 -17.96 -15.89 17.77
C MET A 313 -17.94 -15.90 17.78
N ARG A 314 -17.53 -15.02 16.84
CA ARG A 314 -16.27 -14.27 16.93
C ARG A 314 -16.36 -13.18 17.99
N ILE A 315 -15.27 -12.99 18.72
CA ILE A 315 -15.18 -11.98 19.77
C ILE A 315 -15.35 -10.56 19.19
N SER A 316 -15.91 -9.65 19.97
CA SER A 316 -16.10 -8.27 19.56
C SER A 316 -14.80 -7.52 19.75
N ALA A 317 -14.67 -6.35 19.12
CA ALA A 317 -13.50 -5.49 19.27
C ALA A 317 -13.36 -5.05 20.74
N ARG A 318 -14.49 -4.73 21.39
CA ARG A 318 -14.50 -4.29 22.80
C ARG A 318 -14.06 -5.42 23.74
N ASP A 319 -14.55 -6.66 23.51
CA ASP A 319 -14.18 -7.81 24.33
C ASP A 319 -12.71 -8.23 24.09
N ALA A 320 -12.12 -7.88 22.93
CA ALA A 320 -10.70 -8.16 22.66
C ALA A 320 -9.80 -7.20 23.47
N LEU A 321 -10.23 -5.92 23.66
CA LEU A 321 -9.51 -4.96 24.51
C LEU A 321 -9.51 -5.43 25.96
N ASP A 322 -10.63 -6.01 26.42
CA ASP A 322 -10.77 -6.52 27.79
C ASP A 322 -10.18 -7.95 27.94
N HIS A 323 -9.48 -8.50 26.91
CA HIS A 323 -8.86 -9.83 27.01
C HIS A 323 -7.65 -9.74 27.92
N GLU A 324 -7.38 -10.82 28.68
CA GLU A 324 -6.27 -10.92 29.63
C GLU A 324 -4.92 -10.62 28.96
N TRP A 325 -4.75 -11.00 27.67
CA TRP A 325 -3.51 -10.75 26.94
C TRP A 325 -3.23 -9.27 26.80
N ILE A 326 -4.23 -8.48 26.37
CA ILE A 326 -4.08 -7.04 26.19
C ILE A 326 -3.86 -6.37 27.57
N GLN A 327 -4.63 -6.77 28.60
CA GLN A 327 -4.50 -6.19 29.94
C GLN A 327 -3.14 -6.53 30.60
N THR A 328 -2.65 -7.77 30.41
CA THR A 328 -1.39 -8.22 31.02
C THR A 328 -0.17 -7.58 30.36
N TYR A 329 -0.06 -7.70 29.02
CA TYR A 329 1.11 -7.24 28.27
C TYR A 329 1.09 -5.73 27.94
N THR A 330 0.00 -4.98 28.26
CA THR A 330 -0.07 -3.53 27.97
C THR A 330 -0.64 -2.79 29.16
N VAL A 338 10.17 -10.00 28.93
CA VAL A 338 9.83 -9.65 27.56
C VAL A 338 10.95 -10.14 26.60
N PRO A 339 10.97 -11.45 26.27
CA PRO A 339 11.99 -11.95 25.34
C PRO A 339 11.74 -11.49 23.90
N SER A 340 12.82 -11.21 23.15
CA SER A 340 12.71 -10.76 21.77
C SER A 340 12.31 -11.91 20.84
N LEU A 341 11.36 -11.65 19.94
CA LEU A 341 10.87 -12.62 18.96
C LEU A 341 11.75 -12.43 17.73
N ASP A 342 13.00 -12.90 17.82
CA ASP A 342 14.00 -12.73 16.76
C ASP A 342 13.54 -13.33 15.43
N ASN A 343 13.06 -14.59 15.42
CA ASN A 343 12.64 -15.24 14.19
C ASN A 343 11.44 -14.51 13.55
N ALA A 344 10.55 -13.92 14.37
CA ALA A 344 9.40 -13.15 13.85
C ALA A 344 9.89 -11.86 13.13
N ILE A 345 10.92 -11.18 13.66
CA ILE A 345 11.47 -9.98 13.02
C ILE A 345 12.12 -10.37 11.67
N LEU A 346 12.87 -11.48 11.63
CA LEU A 346 13.50 -11.93 10.40
C LEU A 346 12.43 -12.25 9.35
N ASN A 347 11.32 -12.86 9.77
CA ASN A 347 10.22 -13.20 8.85
C ASN A 347 9.42 -11.97 8.41
N ILE A 348 9.14 -10.98 9.31
CA ILE A 348 8.35 -9.83 8.89
CA ILE A 348 8.39 -9.76 8.93
C ILE A 348 9.21 -9.00 7.88
N ARG A 349 10.54 -8.97 8.06
CA ARG A 349 11.47 -8.27 7.16
C ARG A 349 11.41 -8.91 5.77
N GLN A 350 11.46 -10.25 5.71
N GLN A 350 11.45 -10.24 5.71
CA GLN A 350 11.33 -10.99 4.45
CA GLN A 350 11.34 -10.97 4.45
C GLN A 350 9.94 -10.76 3.84
C GLN A 350 9.94 -10.77 3.84
N PHE A 351 8.89 -10.80 4.67
CA PHE A 351 7.51 -10.59 4.20
C PHE A 351 7.34 -9.20 3.60
N GLN A 352 7.75 -8.17 4.32
CA GLN A 352 7.63 -6.78 3.87
C GLN A 352 8.51 -6.52 2.62
N GLY A 353 9.71 -7.06 2.59
CA GLY A 353 10.63 -6.94 1.45
C GLY A 353 10.03 -7.50 0.19
N THR A 354 9.40 -8.67 0.31
CA THR A 354 8.73 -9.33 -0.83
C THR A 354 7.57 -8.51 -1.31
N GLN A 355 6.71 -8.05 -0.38
CA GLN A 355 5.54 -7.23 -0.72
C GLN A 355 5.96 -5.94 -1.44
N LYS A 356 6.96 -5.26 -0.90
CA LYS A 356 7.45 -4.00 -1.46
C LYS A 356 8.15 -4.20 -2.82
N LEU A 357 8.91 -5.27 -3.02
CA LEU A 357 9.55 -5.48 -4.33
C LEU A 357 8.48 -5.84 -5.39
N ALA A 358 7.45 -6.64 -5.04
CA ALA A 358 6.37 -6.95 -5.97
C ALA A 358 5.62 -5.67 -6.36
N GLN A 359 5.33 -4.80 -5.38
CA GLN A 359 4.68 -3.51 -5.65
C GLN A 359 5.55 -2.63 -6.53
N ALA A 360 6.84 -2.52 -6.21
CA ALA A 360 7.78 -1.71 -6.99
C ALA A 360 7.88 -2.24 -8.42
N ALA A 361 7.86 -3.57 -8.60
CA ALA A 361 7.94 -4.18 -9.93
C ALA A 361 6.70 -3.82 -10.77
N LEU A 362 5.50 -3.89 -10.16
CA LEU A 362 4.24 -3.51 -10.83
C LEU A 362 4.22 -2.01 -11.16
N LEU A 363 4.69 -1.15 -10.25
N LEU A 363 4.69 -1.16 -10.23
CA LEU A 363 4.69 0.31 -10.50
CA LEU A 363 4.77 0.30 -10.45
C LEU A 363 5.74 0.68 -11.57
C LEU A 363 5.70 0.61 -11.61
N TYR A 364 6.84 -0.10 -11.70
CA TYR A 364 7.84 0.11 -12.76
C TYR A 364 7.22 -0.21 -14.12
N MET A 365 6.54 -1.36 -14.22
CA MET A 365 5.88 -1.77 -15.46
C MET A 365 4.75 -0.78 -15.81
N GLY A 366 4.00 -0.33 -14.79
CA GLY A 366 2.97 0.68 -14.95
C GLY A 366 3.51 1.99 -15.48
N SER A 367 4.65 2.46 -14.91
CA SER A 367 5.29 3.71 -15.33
C SER A 367 5.90 3.60 -16.73
N LYS A 368 6.37 2.42 -17.14
CA LYS A 368 6.94 2.23 -18.48
C LYS A 368 5.86 2.37 -19.55
N LEU A 369 4.66 1.78 -19.34
CA LEU A 369 3.55 1.86 -20.29
C LEU A 369 3.03 3.32 -20.36
N THR A 370 2.90 4.00 -19.19
CA THR A 370 2.50 5.40 -19.10
C THR A 370 3.52 6.30 -19.84
N SER A 371 4.83 6.02 -19.71
CA SER A 371 5.88 6.80 -20.41
C SER A 371 6.25 6.15 -21.75
N ASP A 373 2.86 6.07 -23.99
CA ASP A 373 1.57 6.76 -23.93
C ASP A 373 1.81 8.26 -23.82
N GLU A 374 2.55 8.72 -22.78
CA GLU A 374 2.91 10.13 -22.56
C GLU A 374 3.89 10.60 -23.66
N THR A 375 4.90 9.76 -23.99
CA THR A 375 5.88 10.10 -25.04
C THR A 375 5.23 10.13 -26.43
N LYS A 376 4.25 9.24 -26.69
CA LYS A 376 3.56 9.18 -27.98
C LYS A 376 2.58 10.37 -28.13
N GLU A 377 1.78 10.64 -27.08
CA GLU A 377 0.81 11.74 -27.09
C GLU A 377 1.50 13.11 -27.14
N LEU A 378 2.63 13.29 -26.43
CA LEU A 378 3.36 14.56 -26.42
C LEU A 378 3.95 14.89 -27.82
N THR A 379 4.36 13.87 -28.60
CA THR A 379 4.93 14.07 -29.94
C THR A 379 3.86 14.57 -30.93
N ALA A 380 2.63 14.04 -30.84
CA ALA A 380 1.53 14.46 -31.72
C ALA A 380 1.03 15.87 -31.37
N ILE A 381 1.21 16.32 -30.11
CA ILE A 381 0.86 17.68 -29.67
C ILE A 381 1.93 18.61 -30.23
N PHE A 382 3.21 18.34 -29.90
CA PHE A 382 4.34 19.14 -30.38
C PHE A 382 4.70 18.74 -31.81
N LYS A 384 1.93 19.04 -34.87
CA LYS A 384 0.78 19.95 -34.88
C LYS A 384 1.21 21.37 -34.51
N MET A 385 1.97 21.52 -33.41
CA MET A 385 2.45 22.82 -32.92
C MET A 385 3.57 23.40 -33.82
N ASP A 386 4.31 22.55 -34.55
CA ASP A 386 5.40 23.01 -35.43
C ASP A 386 4.84 23.35 -36.80
N ASP A 390 11.37 23.03 -39.27
CA ASP A 390 12.72 23.40 -38.86
C ASP A 390 13.30 22.43 -37.79
N GLY A 391 12.48 21.55 -37.22
CA GLY A 391 12.91 20.61 -36.19
C GLY A 391 13.30 21.26 -34.87
N GLN A 392 12.77 22.48 -34.61
CA GLN A 392 13.07 23.24 -33.41
C GLN A 392 11.83 23.99 -32.91
N LEU A 393 11.78 24.28 -31.61
CA LEU A 393 10.67 25.00 -30.98
C LEU A 393 11.20 25.90 -29.88
N ASP A 394 10.49 27.01 -29.61
CA ASP A 394 10.90 27.98 -28.58
C ASP A 394 10.59 27.44 -27.18
N ARG A 395 11.19 28.07 -26.14
CA ARG A 395 10.98 27.72 -24.73
C ARG A 395 9.50 27.78 -24.34
N ALA A 396 8.81 28.85 -24.76
CA ALA A 396 7.38 29.05 -24.46
C ALA A 396 6.51 27.98 -25.12
N GLU A 397 6.87 27.51 -26.33
CA GLU A 397 6.10 26.48 -27.04
C GLU A 397 6.24 25.12 -26.32
N LEU A 398 7.43 24.82 -25.77
CA LEU A 398 7.67 23.58 -25.02
C LEU A 398 6.88 23.61 -23.71
N ILE A 399 6.75 24.79 -23.07
CA ILE A 399 5.95 24.96 -21.85
C ILE A 399 4.45 24.76 -22.21
N GLU A 400 4.02 25.29 -23.37
CA GLU A 400 2.63 25.14 -23.85
C GLU A 400 2.33 23.67 -24.19
N GLY A 401 3.33 22.96 -24.75
CA GLY A 401 3.20 21.56 -25.10
C GLY A 401 3.00 20.67 -23.89
N TYR A 402 3.74 20.95 -22.80
CA TYR A 402 3.62 20.20 -21.54
C TYR A 402 2.27 20.52 -20.86
N LYS A 403 1.90 21.81 -20.80
CA LYS A 403 0.63 22.26 -20.18
C LYS A 403 -0.60 21.69 -20.90
N GLU A 404 -0.52 21.46 -22.24
CA GLU A 404 -1.61 20.88 -23.02
C GLU A 404 -1.82 19.41 -22.60
N LEU A 405 -0.71 18.67 -22.40
CA LEU A 405 -0.76 17.27 -21.96
C LEU A 405 -0.84 17.21 -20.43
N GLU A 422 6.72 24.70 -15.83
CA GLU A 422 7.64 25.78 -16.18
C GLU A 422 9.04 25.49 -15.63
N HIS A 423 9.15 25.19 -14.32
CA HIS A 423 10.43 24.85 -13.68
C HIS A 423 10.96 23.52 -14.22
N GLU A 424 10.08 22.52 -14.41
CA GLU A 424 10.46 21.19 -14.92
C GLU A 424 11.04 21.29 -16.36
N VAL A 425 10.56 22.26 -17.16
CA VAL A 425 11.05 22.47 -18.53
C VAL A 425 12.48 23.05 -18.48
N ASP A 426 12.78 23.94 -17.50
CA ASP A 426 14.12 24.54 -17.38
C ASP A 426 15.18 23.53 -16.94
N GLN A 427 14.81 22.52 -16.13
CA GLN A 427 15.77 21.49 -15.69
C GLN A 427 16.19 20.58 -16.84
N VAL A 428 15.29 20.31 -17.81
CA VAL A 428 15.61 19.48 -18.98
C VAL A 428 16.53 20.30 -19.91
N LEU A 429 16.14 21.56 -20.19
CA LEU A 429 16.91 22.47 -21.06
C LEU A 429 18.28 22.86 -20.44
N ASP A 430 18.48 22.67 -19.12
CA ASP A 430 19.77 22.98 -18.46
C ASP A 430 20.86 22.02 -18.96
N ALA A 431 20.56 20.72 -19.05
CA ALA A 431 21.52 19.71 -19.54
C ALA A 431 21.81 19.88 -21.04
N VAL A 432 20.84 20.42 -21.82
CA VAL A 432 21.01 20.66 -23.25
C VAL A 432 21.78 21.97 -23.47
N ASP A 433 21.20 23.12 -23.06
CA ASP A 433 21.81 24.43 -23.22
C ASP A 433 22.89 24.66 -22.14
N ILE A 440 17.51 24.82 -29.45
CA ILE A 440 17.24 23.47 -28.96
C ILE A 440 16.17 22.79 -29.84
N GLU A 441 16.33 21.48 -30.07
CA GLU A 441 15.40 20.68 -30.87
C GLU A 441 14.37 20.02 -29.96
N TYR A 442 13.11 19.90 -30.44
CA TYR A 442 12.02 19.27 -29.66
C TYR A 442 12.24 17.75 -29.53
N SER A 443 12.99 17.11 -30.45
CA SER A 443 13.29 15.67 -30.36
C SER A 443 14.27 15.39 -29.22
N GLU A 444 15.34 16.20 -29.13
CA GLU A 444 16.36 16.07 -28.09
C GLU A 444 15.78 16.40 -26.71
N PHE A 445 14.80 17.34 -26.64
CA PHE A 445 14.14 17.72 -25.39
C PHE A 445 13.29 16.56 -24.85
N VAL A 446 12.49 15.92 -25.72
CA VAL A 446 11.66 14.77 -25.32
C VAL A 446 12.59 13.59 -24.93
N THR A 447 13.71 13.39 -25.68
CA THR A 447 14.68 12.33 -25.40
C THR A 447 15.32 12.55 -24.02
N VAL A 448 15.77 13.79 -23.72
CA VAL A 448 16.38 14.11 -22.42
C VAL A 448 15.33 14.05 -21.28
N ALA A 449 14.08 14.50 -21.54
CA ALA A 449 13.01 14.47 -20.54
C ALA A 449 12.55 13.04 -20.26
N MET A 450 12.47 12.18 -21.29
CA MET A 450 12.05 10.77 -21.12
C MET A 450 13.13 9.96 -20.40
N ASP A 451 14.41 10.16 -20.79
CA ASP A 451 15.55 9.47 -20.16
C ASP A 451 15.67 9.86 -18.69
N ARG A 452 15.32 11.12 -18.34
CA ARG A 452 15.34 11.59 -16.94
C ARG A 452 14.27 10.84 -16.12
N LYS A 453 13.07 10.63 -16.71
CA LYS A 453 11.99 9.89 -16.03
C LYS A 453 12.29 8.38 -15.98
N THR A 454 13.01 7.84 -16.99
CA THR A 454 13.40 6.42 -17.02
C THR A 454 14.40 6.12 -15.89
N LEU A 455 15.48 6.93 -15.80
CA LEU A 455 16.53 6.76 -14.78
C LEU A 455 15.95 6.84 -13.37
N LEU A 456 15.01 7.79 -13.11
CA LEU A 456 14.39 7.91 -11.80
C LEU A 456 13.43 6.73 -11.54
N SER A 457 12.77 6.20 -12.58
CA SER A 457 11.91 5.02 -12.42
C SER A 457 12.77 3.80 -12.06
N ARG A 458 13.92 3.62 -12.74
CA ARG A 458 14.89 2.55 -12.48
C ARG A 458 15.43 2.65 -11.03
N GLU A 459 15.68 3.88 -10.53
CA GLU A 459 16.20 4.10 -9.16
C GLU A 459 15.21 3.63 -8.05
N ARG A 460 13.89 3.86 -8.18
CA ARG A 460 12.91 3.40 -7.16
C ARG A 460 12.82 1.86 -7.12
N LEU A 461 12.89 1.22 -8.29
CA LEU A 461 12.85 -0.24 -8.39
C LEU A 461 14.12 -0.83 -7.77
N GLU A 462 15.26 -0.19 -8.05
CA GLU A 462 16.56 -0.60 -7.52
C GLU A 462 16.60 -0.57 -6.01
N ARG A 463 16.05 0.49 -5.38
CA ARG A 463 16.03 0.55 -3.91
C ARG A 463 15.26 -0.62 -3.33
N ALA A 464 14.12 -0.97 -3.95
CA ALA A 464 13.32 -2.12 -3.49
C ALA A 464 14.09 -3.45 -3.71
N PHE A 465 14.79 -3.60 -4.84
CA PHE A 465 15.61 -4.79 -5.10
C PHE A 465 16.71 -4.92 -4.05
N ARG A 466 17.45 -3.82 -3.77
CA ARG A 466 18.53 -3.81 -2.79
C ARG A 466 18.01 -4.17 -1.41
N MET A 467 16.83 -3.65 -1.03
CA MET A 467 16.23 -3.92 0.27
C MET A 467 15.82 -5.41 0.40
N PHE A 468 15.31 -6.01 -0.69
CA PHE A 468 14.95 -7.44 -0.70
C PHE A 468 16.20 -8.32 -0.53
N ASP A 469 17.30 -7.90 -1.14
CA ASP A 469 18.59 -8.61 -1.11
C ASP A 469 19.30 -8.31 0.24
N SER A 470 18.77 -8.86 1.33
CA SER A 470 19.24 -8.61 2.71
C SER A 470 20.68 -9.11 2.98
N ASP A 471 21.14 -10.16 2.26
CA ASP A 471 22.51 -10.69 2.43
C ASP A 471 23.51 -9.99 1.46
N ASN A 472 23.07 -8.96 0.70
CA ASN A 472 23.90 -8.17 -0.22
C ASN A 472 24.64 -9.09 -1.22
N SER A 473 23.97 -10.16 -1.69
CA SER A 473 24.56 -11.09 -2.66
C SER A 473 24.56 -10.49 -4.09
N GLY A 474 23.72 -9.49 -4.32
CA GLY A 474 23.56 -8.84 -5.62
C GLY A 474 22.61 -9.61 -6.53
N LYS A 475 22.05 -10.72 -6.06
CA LYS A 475 21.17 -11.52 -6.90
C LYS A 475 19.97 -12.04 -6.15
N ILE A 476 18.96 -12.47 -6.91
CA ILE A 476 17.75 -13.11 -6.36
C ILE A 476 17.60 -14.45 -7.09
N SER A 477 17.31 -15.49 -6.33
CA SER A 477 17.17 -16.84 -6.88
C SER A 477 15.86 -17.03 -7.62
N SER A 478 15.80 -18.14 -8.37
CA SER A 478 14.60 -18.54 -9.14
C SER A 478 13.45 -18.82 -8.18
N THR A 479 13.76 -19.33 -6.97
CA THR A 479 12.76 -19.60 -5.92
C THR A 479 12.19 -18.27 -5.42
N GLU A 480 13.05 -17.27 -5.23
CA GLU A 480 12.64 -15.92 -4.80
C GLU A 480 11.85 -15.23 -5.89
N LEU A 481 12.29 -15.37 -7.17
CA LEU A 481 11.52 -14.84 -8.30
C LEU A 481 10.10 -15.41 -8.33
N ALA A 482 9.95 -16.72 -8.05
CA ALA A 482 8.65 -17.39 -8.06
C ALA A 482 7.74 -16.78 -7.01
N THR A 483 8.27 -16.43 -5.83
CA THR A 483 7.49 -15.79 -4.77
C THR A 483 7.13 -14.34 -5.17
N ILE A 484 8.09 -13.59 -5.70
CA ILE A 484 7.86 -12.20 -6.13
C ILE A 484 6.80 -12.17 -7.24
N PHE A 485 6.97 -12.99 -8.30
CA PHE A 485 6.03 -13.03 -9.41
C PHE A 485 4.69 -13.66 -8.99
N GLY A 486 4.68 -14.46 -7.93
CA GLY A 486 3.46 -15.01 -7.37
C GLY A 486 2.62 -13.92 -6.72
N VAL A 487 3.25 -13.08 -5.90
CA VAL A 487 2.58 -11.94 -5.24
C VAL A 487 2.14 -10.88 -6.30
N SER A 488 2.92 -10.69 -7.38
CA SER A 488 2.60 -9.70 -8.42
C SER A 488 1.67 -10.29 -9.53
N ASP A 489 1.32 -11.60 -9.46
CA ASP A 489 0.39 -12.30 -10.35
C ASP A 489 0.88 -12.39 -11.82
N VAL A 490 2.18 -12.66 -11.99
CA VAL A 490 2.76 -12.88 -13.32
C VAL A 490 2.89 -14.39 -13.45
N ASP A 491 2.27 -14.96 -14.50
CA ASP A 491 2.25 -16.40 -14.78
C ASP A 491 3.68 -17.00 -14.78
N SER A 492 3.83 -18.21 -14.19
CA SER A 492 5.11 -18.91 -14.07
C SER A 492 5.79 -19.15 -15.42
N GLU A 493 5.04 -19.72 -16.40
CA GLU A 493 5.60 -20.01 -17.73
C GLU A 493 6.00 -18.72 -18.46
N THR A 494 5.24 -17.64 -18.25
CA THR A 494 5.52 -16.34 -18.89
C THR A 494 6.85 -15.75 -18.36
N TRP A 495 7.04 -15.61 -17.04
CA TRP A 495 8.29 -15.00 -16.55
C TRP A 495 9.49 -15.93 -16.81
N LYS A 496 9.29 -17.26 -16.74
CA LYS A 496 10.38 -18.20 -17.02
C LYS A 496 10.84 -18.11 -18.50
N SER A 497 9.90 -17.89 -19.44
CA SER A 497 10.24 -17.71 -20.86
C SER A 497 11.02 -16.40 -21.05
N VAL A 498 10.55 -15.33 -20.41
CA VAL A 498 11.18 -14.01 -20.47
C VAL A 498 12.59 -14.10 -19.87
N LEU A 499 12.76 -14.87 -18.76
CA LEU A 499 14.09 -15.03 -18.13
C LEU A 499 15.08 -15.70 -19.10
N SER A 500 14.61 -16.72 -19.84
CA SER A 500 15.45 -17.42 -20.82
C SER A 500 15.85 -16.52 -22.00
N GLU A 501 14.96 -15.58 -22.37
CA GLU A 501 15.19 -14.64 -23.47
C GLU A 501 16.24 -13.59 -23.09
N VAL A 502 16.20 -13.10 -21.85
CA VAL A 502 17.16 -12.09 -21.33
C VAL A 502 18.54 -12.71 -21.20
N ASP A 503 18.63 -13.90 -20.58
CA ASP A 503 19.89 -14.60 -20.37
C ASP A 503 19.65 -16.11 -20.44
N LYS A 504 20.15 -16.76 -21.50
CA LYS A 504 20.02 -18.21 -21.68
C LYS A 504 20.82 -18.98 -20.61
N ASN A 505 21.94 -18.41 -20.11
CA ASN A 505 22.80 -19.04 -19.09
C ASN A 505 22.64 -18.34 -17.74
N ASN A 506 21.39 -18.06 -17.33
CA ASN A 506 21.12 -17.37 -16.05
C ASN A 506 21.51 -18.26 -14.83
N ASP A 507 21.42 -19.60 -14.95
CA ASP A 507 21.77 -20.59 -13.90
C ASP A 507 20.90 -20.40 -12.61
N GLY A 508 19.65 -20.01 -12.77
CA GLY A 508 18.71 -19.86 -11.67
C GLY A 508 18.84 -18.62 -10.80
N GLU A 509 19.57 -17.60 -11.24
CA GLU A 509 19.69 -16.33 -10.50
C GLU A 509 19.69 -15.17 -11.47
N VAL A 510 19.30 -13.98 -10.96
CA VAL A 510 19.30 -12.74 -11.73
C VAL A 510 19.87 -11.63 -10.87
N ASP A 511 20.63 -10.73 -11.48
CA ASP A 511 21.11 -9.54 -10.79
C ASP A 511 20.07 -8.45 -11.04
N PHE A 512 20.30 -7.20 -10.59
CA PHE A 512 19.31 -6.13 -10.76
C PHE A 512 19.02 -5.82 -12.24
N ASP A 513 20.08 -5.63 -13.04
CA ASP A 513 19.93 -5.33 -14.48
C ASP A 513 19.09 -6.39 -15.20
N GLU A 514 19.31 -7.67 -14.92
CA GLU A 514 18.56 -8.75 -15.54
C GLU A 514 17.12 -8.76 -15.07
N PHE A 515 16.90 -8.54 -13.76
CA PHE A 515 15.54 -8.48 -13.21
C PHE A 515 14.80 -7.30 -13.88
N GLN A 516 15.46 -6.14 -14.03
CA GLN A 516 14.85 -4.98 -14.69
C GLN A 516 14.52 -5.31 -16.16
N GLN A 517 15.42 -6.03 -16.86
CA GLN A 517 15.21 -6.44 -18.26
C GLN A 517 14.00 -7.36 -18.37
N MET A 518 13.79 -8.25 -17.38
CA MET A 518 12.64 -9.16 -17.40
C MET A 518 11.34 -8.36 -17.34
N LEU A 519 11.27 -7.36 -16.43
CA LEU A 519 10.07 -6.54 -16.27
C LEU A 519 9.75 -5.72 -17.52
N LEU A 520 10.78 -5.25 -18.26
CA LEU A 520 10.56 -4.52 -19.50
C LEU A 520 9.88 -5.41 -20.55
N LYS A 521 10.32 -6.66 -20.67
CA LYS A 521 9.74 -7.61 -21.62
C LYS A 521 8.33 -8.06 -21.17
N LEU A 522 8.03 -8.01 -19.87
CA LEU A 522 6.72 -8.38 -19.35
C LEU A 522 5.70 -7.21 -19.52
N CYS A 523 6.10 -6.04 -20.08
CA CYS A 523 5.15 -4.96 -20.35
C CYS A 523 5.35 -4.45 -21.80
N GLY A 524 5.70 -5.35 -22.72
CA GLY A 524 5.86 -5.06 -24.14
C GLY A 524 7.07 -4.26 -24.54
N ASN A 525 8.18 -4.37 -23.78
CA ASN A 525 9.43 -3.65 -24.06
C ASN A 525 10.61 -4.61 -23.88
N1 5GB B . -1.18 8.77 3.36
N3 5GB B . -4.34 4.59 1.51
C4 5GB B . 1.47 11.33 5.18
C5 5GB B . -2.45 8.82 3.76
C6 5GB B . -3.30 7.86 3.06
C7 5GB B . -4.16 5.82 2.02
C8 5GB B . -4.61 7.90 2.65
C10 5GB B . -6.88 8.82 3.08
C13 5GB B . -6.04 11.39 2.51
C15 5GB B . -5.13 10.34 2.46
C17 5GB B . -2.93 9.68 4.75
S 5GB B . -2.60 6.29 2.65
N2 5GB B . -5.09 6.73 2.09
C9 5GB B . -5.54 9.04 2.76
C12 5GB B . -7.36 11.14 2.83
C11 5GB B . -7.81 9.85 3.11
C14 5GB B . -9.27 9.57 3.36
C16 5GB B . -2.06 10.54 5.35
C 5GB B . -0.70 10.54 4.96
C1 5GB B . -0.28 9.63 3.97
C2 5GB B . 1.08 9.59 3.61
C3 5GB B . 1.96 10.44 4.22
N 5GB B . 0.20 11.40 5.56
#